data_4YQU
#
_entry.id   4YQU
#
_cell.length_a   62.645
_cell.length_b   72.588
_cell.length_c   65.310
_cell.angle_alpha   90.000
_cell.angle_beta   112.690
_cell.angle_gamma   90.000
#
_symmetry.space_group_name_H-M   'P 1 21 1'
#
loop_
_entity.id
_entity.type
_entity.pdbx_description
1 polymer 'Glutathione S-transferase omega-1'
2 non-polymer N-{5-(azepan-1-ylsulfonyl)-2-[(ethylsulfanyl)methoxy]phenyl}acetamide
3 non-polymer '2-(N-MORPHOLINO)-ETHANESULFONIC ACID'
4 water water
#
_entity_poly.entity_id   1
_entity_poly.type   'polypeptide(L)'
_entity_poly.pdbx_seq_one_letter_code
;SNAMSGESARSLGKGSAPPGPVPEGSIRIYSMRFCPFAERTRLVLKAKGIRHEVININLKNKPEWFFKKNPFGLVPVLEN
SQGQLIYESAITCEYLDEAYPGKKLLPDDPYEKACQKMILELFSKVPSLVGSFIRSQNKEDYAGLKEEFRKEFTKLEEVL
TNKKTTFFGGNSISMIDYLIWPWFERLEAMKLNECVDHTPKLKLWMAAMKEDPTVSALLTSEKDWQGFLELYLQNSPEAC
DYGL
;
_entity_poly.pdbx_strand_id   A,B
#
# COMPACT_ATOMS: atom_id res chain seq x y z
N GLU A 7 -4.31 -30.54 19.41
CA GLU A 7 -3.61 -29.28 19.62
C GLU A 7 -4.09 -28.23 18.62
N SER A 8 -4.70 -27.16 19.15
CA SER A 8 -5.29 -26.02 18.46
C SER A 8 -4.29 -25.27 17.54
N ALA A 9 -2.97 -25.44 17.78
CA ALA A 9 -1.89 -24.78 17.04
C ALA A 9 -1.52 -25.50 15.74
N ARG A 10 -1.70 -26.83 15.66
CA ARG A 10 -1.33 -27.55 14.44
C ARG A 10 -2.10 -26.96 13.22
N SER A 11 -1.40 -26.71 12.10
CA SER A 11 -2.01 -26.09 10.92
C SER A 11 -3.04 -26.99 10.27
N LEU A 12 -4.06 -26.34 9.68
CA LEU A 12 -5.16 -27.01 9.01
C LEU A 12 -4.82 -27.16 7.53
N GLY A 13 -5.02 -28.37 7.02
CA GLY A 13 -4.75 -28.70 5.63
C GLY A 13 -5.93 -29.27 4.89
N LYS A 14 -5.70 -29.84 3.70
CA LYS A 14 -6.75 -30.48 2.88
C LYS A 14 -7.46 -31.55 3.71
N GLY A 15 -8.79 -31.52 3.68
CA GLY A 15 -9.62 -32.46 4.43
C GLY A 15 -10.01 -32.00 5.82
N SER A 16 -9.47 -30.84 6.27
CA SER A 16 -9.81 -30.28 7.58
C SER A 16 -11.23 -29.74 7.50
N ALA A 17 -11.93 -29.70 8.63
CA ALA A 17 -13.28 -29.15 8.64
C ALA A 17 -13.24 -27.62 8.69
N PRO A 18 -14.10 -26.91 7.92
CA PRO A 18 -14.13 -25.45 8.02
C PRO A 18 -14.40 -25.02 9.47
N PRO A 19 -13.74 -23.95 9.96
CA PRO A 19 -13.92 -23.57 11.37
C PRO A 19 -15.32 -23.08 11.64
N GLY A 20 -15.73 -23.17 12.91
CA GLY A 20 -17.04 -22.71 13.36
C GLY A 20 -17.09 -21.19 13.46
N PRO A 21 -18.22 -20.60 13.91
CA PRO A 21 -18.27 -19.14 14.03
C PRO A 21 -17.32 -18.61 15.09
N VAL A 22 -16.83 -17.39 14.86
CA VAL A 22 -15.95 -16.69 15.83
C VAL A 22 -16.85 -16.29 17.01
N PRO A 23 -16.51 -16.60 18.27
CA PRO A 23 -17.39 -16.22 19.40
C PRO A 23 -17.45 -14.72 19.59
N GLU A 24 -18.58 -14.23 20.14
CA GLU A 24 -18.82 -12.83 20.44
C GLU A 24 -17.72 -12.32 21.39
N GLY A 25 -17.22 -11.12 21.13
CA GLY A 25 -16.16 -10.52 21.93
C GLY A 25 -14.75 -10.93 21.53
N SER A 26 -14.64 -11.87 20.59
CA SER A 26 -13.34 -12.34 20.09
C SER A 26 -13.17 -11.99 18.59
N ILE A 27 -11.97 -12.27 18.07
CA ILE A 27 -11.64 -12.10 16.66
C ILE A 27 -10.70 -13.26 16.29
N ARG A 28 -10.77 -13.74 15.07
CA ARG A 28 -9.90 -14.86 14.62
C ARG A 28 -8.85 -14.32 13.64
N ILE A 29 -7.62 -14.79 13.77
CA ILE A 29 -6.55 -14.56 12.81
C ILE A 29 -6.18 -15.88 12.14
N TYR A 30 -6.19 -15.90 10.79
CA TYR A 30 -5.72 -17.01 9.97
C TYR A 30 -4.27 -16.66 9.76
N SER A 31 -3.36 -17.53 10.20
CA SER A 31 -1.94 -17.21 10.23
C SER A 31 -1.12 -18.44 9.85
N MET A 32 0.21 -18.33 10.02
CA MET A 32 1.22 -19.38 9.84
C MET A 32 2.36 -18.94 10.76
N ARG A 33 2.80 -19.83 11.69
CA ARG A 33 3.74 -19.46 12.74
C ARG A 33 5.11 -18.89 12.28
N PHE A 34 5.50 -19.12 11.00
CA PHE A 34 6.79 -18.66 10.49
C PHE A 34 6.66 -17.60 9.39
N CYS A 35 5.42 -17.10 9.20
CA CYS A 35 5.04 -16.05 8.23
C CYS A 35 5.36 -14.65 8.80
N PRO A 36 6.34 -13.93 8.23
CA PRO A 36 6.64 -12.57 8.74
C PRO A 36 5.49 -11.57 8.50
N PHE A 37 4.67 -11.74 7.41
CA PHE A 37 3.54 -10.80 7.18
C PHE A 37 2.45 -10.95 8.24
N ALA A 38 2.17 -12.21 8.66
CA ALA A 38 1.18 -12.47 9.69
C ALA A 38 1.72 -12.14 11.07
N GLU A 39 3.06 -12.17 11.27
CA GLU A 39 3.66 -11.79 12.56
C GLU A 39 3.33 -10.32 12.86
N ARG A 40 3.25 -9.45 11.81
CA ARG A 40 2.84 -8.03 11.96
C ARG A 40 1.52 -7.94 12.73
N THR A 41 0.51 -8.71 12.26
CA THR A 41 -0.84 -8.73 12.82
C THR A 41 -0.82 -9.23 14.25
N ARG A 42 0.00 -10.29 14.53
CA ARG A 42 0.10 -10.89 15.86
C ARG A 42 0.79 -9.96 16.83
N LEU A 43 1.76 -9.16 16.36
CA LEU A 43 2.43 -8.16 17.22
C LEU A 43 1.38 -7.11 17.66
N VAL A 44 0.49 -6.70 16.75
CA VAL A 44 -0.57 -5.73 17.08
C VAL A 44 -1.59 -6.35 18.05
N LEU A 45 -2.07 -7.61 17.82
CA LEU A 45 -3.02 -8.24 18.79
C LEU A 45 -2.45 -8.33 20.19
N LYS A 46 -1.16 -8.63 20.29
CA LYS A 46 -0.47 -8.74 21.59
C LYS A 46 -0.28 -7.36 22.24
N ALA A 47 0.22 -6.35 21.46
CA ALA A 47 0.47 -4.99 21.98
C ALA A 47 -0.79 -4.31 22.54
N LYS A 48 -1.94 -4.51 21.88
CA LYS A 48 -3.20 -3.89 22.26
C LYS A 48 -4.03 -4.75 23.22
N GLY A 49 -3.51 -5.92 23.60
CA GLY A 49 -4.19 -6.84 24.52
C GLY A 49 -5.52 -7.36 23.98
N ILE A 50 -5.58 -7.66 22.67
CA ILE A 50 -6.84 -8.06 22.05
C ILE A 50 -7.12 -9.55 22.19
N ARG A 51 -8.33 -9.88 22.71
CA ARG A 51 -8.80 -11.26 22.85
CA ARG A 51 -8.78 -11.27 22.85
C ARG A 51 -8.97 -11.83 21.44
N HIS A 52 -8.27 -12.94 21.14
CA HIS A 52 -8.36 -13.53 19.83
C HIS A 52 -8.05 -15.03 19.87
N GLU A 53 -8.28 -15.70 18.74
CA GLU A 53 -7.95 -17.09 18.48
C GLU A 53 -7.14 -17.16 17.21
N VAL A 54 -6.16 -18.08 17.17
CA VAL A 54 -5.30 -18.28 16.02
C VAL A 54 -5.65 -19.62 15.36
N ILE A 55 -5.80 -19.59 14.01
CA ILE A 55 -5.95 -20.80 13.20
C ILE A 55 -4.83 -20.77 12.18
N ASN A 56 -3.87 -21.73 12.31
CA ASN A 56 -2.78 -21.77 11.35
C ASN A 56 -3.20 -22.53 10.12
N ILE A 57 -2.74 -22.07 8.97
CA ILE A 57 -3.00 -22.63 7.65
C ILE A 57 -1.75 -23.29 7.12
N ASN A 58 -1.90 -24.54 6.65
CA ASN A 58 -0.81 -25.29 6.05
C ASN A 58 -0.60 -24.70 4.68
N LEU A 59 0.42 -23.84 4.55
CA LEU A 59 0.67 -23.15 3.29
C LEU A 59 1.23 -24.10 2.19
N LYS A 60 1.56 -25.38 2.52
CA LYS A 60 2.01 -26.35 1.48
C LYS A 60 0.94 -27.46 1.25
N ASN A 61 -0.27 -27.25 1.80
CA ASN A 61 -1.41 -28.18 1.71
C ASN A 61 -2.64 -27.38 2.15
N LYS A 62 -3.01 -26.35 1.37
CA LYS A 62 -4.08 -25.39 1.71
C LYS A 62 -5.47 -26.02 1.66
N PRO A 63 -6.31 -25.77 2.69
CA PRO A 63 -7.69 -26.31 2.62
C PRO A 63 -8.49 -25.55 1.58
N GLU A 64 -9.47 -26.25 0.97
CA GLU A 64 -10.33 -25.65 -0.04
C GLU A 64 -11.15 -24.51 0.58
N TRP A 65 -11.71 -24.74 1.79
CA TRP A 65 -12.57 -23.79 2.49
C TRP A 65 -11.88 -22.43 2.79
N PHE A 66 -10.53 -22.38 2.80
CA PHE A 66 -9.76 -21.14 3.07
C PHE A 66 -9.81 -20.12 1.91
N PHE A 67 -10.01 -20.57 0.68
CA PHE A 67 -10.04 -19.66 -0.46
C PHE A 67 -11.28 -18.74 -0.44
N LYS A 68 -12.25 -19.04 0.42
CA LYS A 68 -13.44 -18.20 0.61
C LYS A 68 -13.14 -17.09 1.64
N LYS A 69 -12.07 -17.28 2.47
CA LYS A 69 -11.67 -16.29 3.49
C LYS A 69 -10.86 -15.14 2.87
N ASN A 70 -10.06 -15.43 1.83
CA ASN A 70 -9.27 -14.44 1.11
C ASN A 70 -9.15 -14.79 -0.40
N PRO A 71 -9.63 -13.94 -1.34
CA PRO A 71 -9.47 -14.25 -2.78
C PRO A 71 -7.99 -14.24 -3.28
N PHE A 72 -7.03 -13.84 -2.44
CA PHE A 72 -5.61 -13.87 -2.80
C PHE A 72 -4.97 -15.18 -2.27
N GLY A 73 -5.67 -15.88 -1.35
CA GLY A 73 -5.24 -17.14 -0.73
C GLY A 73 -4.04 -17.01 0.21
N LEU A 74 -3.83 -15.82 0.75
CA LEU A 74 -2.69 -15.55 1.64
C LEU A 74 -3.09 -15.29 3.08
N VAL A 75 -2.14 -15.52 4.00
CA VAL A 75 -2.31 -15.15 5.41
C VAL A 75 -1.47 -13.85 5.61
N PRO A 76 -1.84 -12.94 6.53
CA PRO A 76 -2.92 -13.04 7.52
C PRO A 76 -4.29 -12.65 6.97
N VAL A 77 -5.33 -13.17 7.64
CA VAL A 77 -6.73 -12.85 7.43
C VAL A 77 -7.36 -12.71 8.81
N LEU A 78 -8.10 -11.61 9.05
CA LEU A 78 -8.92 -11.46 10.28
C LEU A 78 -10.38 -11.81 9.98
N GLU A 79 -11.08 -12.41 10.97
CA GLU A 79 -12.51 -12.77 10.83
C GLU A 79 -13.18 -12.53 12.17
N ASN A 80 -14.30 -11.79 12.18
CA ASN A 80 -15.01 -11.48 13.44
C ASN A 80 -16.32 -12.24 13.54
N SER A 81 -17.09 -12.00 14.64
CA SER A 81 -18.35 -12.72 14.88
C SER A 81 -19.46 -12.40 13.86
N GLN A 82 -19.40 -11.21 13.21
CA GLN A 82 -20.34 -10.77 12.17
C GLN A 82 -20.00 -11.40 10.79
N GLY A 83 -18.90 -12.13 10.73
CA GLY A 83 -18.46 -12.80 9.51
C GLY A 83 -17.62 -11.93 8.59
N GLN A 84 -17.24 -10.71 9.05
CA GLN A 84 -16.42 -9.77 8.26
C GLN A 84 -15.00 -10.28 8.10
N LEU A 85 -14.44 -10.17 6.88
CA LEU A 85 -13.12 -10.68 6.53
C LEU A 85 -12.21 -9.56 6.08
N ILE A 86 -11.02 -9.45 6.71
CA ILE A 86 -10.06 -8.38 6.43
C ILE A 86 -8.72 -9.02 6.08
N TYR A 87 -8.15 -8.70 4.89
CA TYR A 87 -6.84 -9.27 4.51
C TYR A 87 -5.89 -8.14 4.02
N GLU A 88 -4.62 -8.46 3.71
CA GLU A 88 -3.48 -7.57 3.44
C GLU A 88 -2.92 -7.19 4.81
N SER A 89 -1.69 -7.62 5.16
CA SER A 89 -1.17 -7.39 6.52
C SER A 89 -1.24 -5.95 7.00
N ALA A 90 -0.82 -4.96 6.17
CA ALA A 90 -0.90 -3.55 6.61
C ALA A 90 -2.36 -3.14 6.94
N ILE A 91 -3.34 -3.56 6.13
CA ILE A 91 -4.78 -3.27 6.36
C ILE A 91 -5.24 -3.90 7.72
N THR A 92 -4.90 -5.18 7.98
CA THR A 92 -5.29 -5.87 9.24
C THR A 92 -4.76 -5.11 10.48
N CYS A 93 -3.54 -4.57 10.39
CA CYS A 93 -2.92 -3.83 11.48
C CYS A 93 -3.61 -2.50 11.75
N GLU A 94 -3.92 -1.74 10.70
CA GLU A 94 -4.60 -0.46 10.84
C GLU A 94 -6.04 -0.69 11.36
N TYR A 95 -6.75 -1.73 10.86
CA TYR A 95 -8.10 -2.09 11.34
C TYR A 95 -8.07 -2.34 12.86
N LEU A 96 -7.14 -3.18 13.33
CA LEU A 96 -7.03 -3.50 14.77
C LEU A 96 -6.76 -2.25 15.60
N ASP A 97 -5.93 -1.34 15.12
CA ASP A 97 -5.63 -0.11 15.88
C ASP A 97 -6.87 0.81 16.05
N GLU A 98 -7.74 0.85 15.05
CA GLU A 98 -8.95 1.70 15.04
C GLU A 98 -10.14 1.03 15.69
N ALA A 99 -10.24 -0.31 15.54
CA ALA A 99 -11.41 -1.07 16.02
C ALA A 99 -11.36 -1.43 17.50
N TYR A 100 -10.17 -1.43 18.14
CA TYR A 100 -10.05 -1.89 19.52
C TYR A 100 -9.55 -0.81 20.48
N PRO A 101 -9.89 -0.92 21.80
CA PRO A 101 -9.48 0.13 22.75
C PRO A 101 -8.00 0.06 23.16
N GLY A 102 -7.64 0.97 24.05
CA GLY A 102 -6.28 1.07 24.58
C GLY A 102 -5.40 2.05 23.85
N LYS A 103 -4.09 1.97 24.12
CA LYS A 103 -3.06 2.83 23.55
C LYS A 103 -2.96 2.63 22.04
N LYS A 104 -3.09 3.72 21.29
CA LYS A 104 -3.04 3.71 19.84
C LYS A 104 -1.60 3.52 19.38
N LEU A 105 -1.40 2.61 18.42
CA LEU A 105 -0.07 2.38 17.88
C LEU A 105 0.26 3.39 16.79
N LEU A 106 -0.78 4.03 16.23
CA LEU A 106 -0.66 5.03 15.17
C LEU A 106 -0.81 6.42 15.75
N PRO A 107 0.05 7.39 15.34
CA PRO A 107 -0.09 8.75 15.89
C PRO A 107 -1.41 9.39 15.46
N ASP A 108 -1.98 10.30 16.25
CA ASP A 108 -3.24 10.92 15.83
C ASP A 108 -3.02 12.00 14.75
N ASP A 109 -1.87 12.69 14.78
CA ASP A 109 -1.56 13.74 13.81
C ASP A 109 -1.52 13.20 12.35
N PRO A 110 -2.33 13.81 11.43
CA PRO A 110 -2.36 13.35 10.03
C PRO A 110 -0.98 13.29 9.35
N TYR A 111 -0.11 14.29 9.55
CA TYR A 111 1.23 14.28 8.93
C TYR A 111 2.11 13.17 9.54
N GLU A 112 2.09 12.99 10.88
CA GLU A 112 2.86 11.90 11.50
C GLU A 112 2.41 10.52 11.00
N LYS A 113 1.09 10.32 10.82
CA LYS A 113 0.49 9.08 10.29
C LYS A 113 1.01 8.85 8.84
N ALA A 114 0.99 9.91 8.01
CA ALA A 114 1.51 9.87 6.62
C ALA A 114 3.01 9.49 6.60
N CYS A 115 3.82 9.99 7.58
CA CYS A 115 5.25 9.65 7.65
C CYS A 115 5.46 8.16 7.84
N GLN A 116 4.60 7.54 8.66
CA GLN A 116 4.69 6.11 8.92
C GLN A 116 4.43 5.31 7.63
N LYS A 117 3.43 5.72 6.86
CA LYS A 117 3.13 5.07 5.56
C LYS A 117 4.25 5.38 4.52
N MET A 118 4.88 6.58 4.53
CA MET A 118 6.00 6.86 3.64
C MET A 118 7.24 6.01 4.01
N ILE A 119 7.53 5.84 5.30
CA ILE A 119 8.67 5.02 5.73
C ILE A 119 8.42 3.55 5.31
N LEU A 120 7.19 3.07 5.45
CA LEU A 120 6.86 1.71 5.04
C LEU A 120 7.19 1.50 3.53
N GLU A 121 6.94 2.52 2.71
CA GLU A 121 7.26 2.52 1.29
C GLU A 121 8.80 2.48 1.09
N LEU A 122 9.56 3.19 1.94
CA LEU A 122 11.03 3.15 1.82
C LEU A 122 11.56 1.74 2.14
N PHE A 123 10.81 0.97 2.94
CA PHE A 123 11.17 -0.38 3.36
C PHE A 123 10.74 -1.49 2.35
N SER A 124 9.89 -1.16 1.37
CA SER A 124 9.21 -2.09 0.45
C SER A 124 10.10 -3.13 -0.31
N LYS A 125 11.40 -2.86 -0.50
CA LYS A 125 12.23 -3.82 -1.25
C LYS A 125 12.83 -4.93 -0.35
N VAL A 126 12.86 -4.70 0.97
CA VAL A 126 13.46 -5.61 1.96
C VAL A 126 12.71 -6.98 2.00
N PRO A 127 11.35 -7.09 2.10
CA PRO A 127 10.72 -8.45 2.09
C PRO A 127 11.06 -9.28 0.85
N SER A 128 11.13 -8.68 -0.36
CA SER A 128 11.47 -9.42 -1.58
C SER A 128 12.97 -9.79 -1.64
N LEU A 129 13.87 -8.99 -1.02
CA LEU A 129 15.28 -9.40 -0.97
C LEU A 129 15.45 -10.61 -0.03
N VAL A 130 14.68 -10.63 1.09
CA VAL A 130 14.73 -11.73 2.07
C VAL A 130 14.30 -13.05 1.36
N GLY A 131 13.22 -13.00 0.60
CA GLY A 131 12.70 -14.13 -0.19
C GLY A 131 13.69 -14.62 -1.22
N SER A 132 14.33 -13.69 -1.96
CA SER A 132 15.36 -14.01 -2.96
C SER A 132 16.59 -14.61 -2.30
N PHE A 133 16.94 -14.17 -1.06
CA PHE A 133 18.12 -14.69 -0.36
C PHE A 133 17.86 -16.12 0.09
N ILE A 134 16.73 -16.36 0.74
CA ILE A 134 16.35 -17.68 1.20
C ILE A 134 16.27 -18.73 0.04
N ARG A 135 15.75 -18.31 -1.18
CA ARG A 135 15.59 -19.06 -2.43
CA ARG A 135 15.60 -19.22 -2.32
C ARG A 135 16.95 -19.48 -3.05
N LYS A 139 26.35 -19.69 -6.22
CA LYS A 139 25.59 -18.75 -5.38
C LYS A 139 26.50 -18.19 -4.25
N GLU A 140 27.32 -17.10 -4.47
CA GLU A 140 27.59 -16.20 -5.61
C GLU A 140 26.53 -15.09 -5.75
N ASP A 141 25.23 -15.42 -5.63
CA ASP A 141 24.14 -14.43 -5.66
C ASP A 141 24.23 -13.59 -4.39
N TYR A 142 24.73 -14.24 -3.31
CA TYR A 142 24.92 -13.77 -1.95
C TYR A 142 25.57 -12.38 -1.91
N ALA A 143 26.74 -12.22 -2.54
CA ALA A 143 27.50 -10.97 -2.59
C ALA A 143 26.62 -9.79 -3.09
N GLY A 144 25.89 -10.01 -4.17
CA GLY A 144 24.99 -9.02 -4.75
C GLY A 144 23.79 -8.71 -3.87
N LEU A 145 23.13 -9.77 -3.35
CA LEU A 145 21.97 -9.64 -2.45
C LEU A 145 22.36 -8.88 -1.16
N LYS A 146 23.56 -9.19 -0.58
CA LYS A 146 24.06 -8.51 0.63
C LYS A 146 24.30 -7.01 0.37
N GLU A 147 24.76 -6.65 -0.84
CA GLU A 147 24.97 -5.25 -1.25
C GLU A 147 23.62 -4.54 -1.38
N GLU A 148 22.58 -5.24 -1.86
CA GLU A 148 21.23 -4.67 -2.00
C GLU A 148 20.65 -4.41 -0.62
N PHE A 149 20.82 -5.35 0.34
CA PHE A 149 20.41 -5.18 1.73
C PHE A 149 21.08 -3.91 2.36
N ARG A 150 22.39 -3.71 2.13
CA ARG A 150 23.14 -2.56 2.67
C ARG A 150 22.58 -1.22 2.16
N LYS A 151 22.21 -1.17 0.86
CA LYS A 151 21.65 0.03 0.21
C LYS A 151 20.27 0.35 0.79
N GLU A 152 19.42 -0.69 0.97
CA GLU A 152 18.09 -0.50 1.55
C GLU A 152 18.18 -0.10 3.04
N PHE A 153 19.09 -0.72 3.78
CA PHE A 153 19.24 -0.42 5.20
C PHE A 153 19.81 1.00 5.41
N THR A 154 20.64 1.50 4.45
CA THR A 154 21.16 2.88 4.49
C THR A 154 19.99 3.88 4.45
N LYS A 155 18.97 3.62 3.63
CA LYS A 155 17.78 4.46 3.51
C LYS A 155 17.06 4.62 4.88
N LEU A 156 17.00 3.52 5.65
CA LEU A 156 16.36 3.50 6.96
C LEU A 156 17.22 4.19 7.98
N GLU A 157 18.57 4.07 7.83
CA GLU A 157 19.46 4.74 8.74
CA GLU A 157 19.53 4.74 8.70
C GLU A 157 19.36 6.25 8.55
N GLU A 158 19.16 6.72 7.29
CA GLU A 158 18.99 8.15 7.01
C GLU A 158 17.72 8.71 7.70
N VAL A 159 16.63 7.93 7.72
CA VAL A 159 15.36 8.30 8.41
C VAL A 159 15.65 8.52 9.92
N LEU A 160 16.27 7.52 10.58
CA LEU A 160 16.63 7.58 12.01
C LEU A 160 17.59 8.75 12.31
N THR A 161 18.56 9.01 11.41
CA THR A 161 19.51 10.11 11.55
C THR A 161 18.76 11.46 11.55
N ASN A 162 17.78 11.62 10.68
CA ASN A 162 17.02 12.88 10.57
C ASN A 162 16.03 13.05 11.71
N LYS A 163 15.40 11.95 12.17
CA LYS A 163 14.43 12.03 13.25
C LYS A 163 15.07 12.28 14.61
N LYS A 164 16.33 11.81 14.79
CA LYS A 164 17.12 11.89 16.02
C LYS A 164 16.43 11.13 17.18
N THR A 165 15.61 10.13 16.85
CA THR A 165 14.90 9.30 17.83
C THR A 165 15.36 7.83 17.68
N THR A 166 15.15 7.02 18.71
CA THR A 166 15.51 5.59 18.70
C THR A 166 14.63 4.82 17.74
N PHE A 167 13.30 5.15 17.69
CA PHE A 167 12.33 4.43 16.87
C PHE A 167 11.87 5.24 15.65
N PHE A 168 11.27 4.55 14.68
CA PHE A 168 10.88 5.21 13.42
C PHE A 168 9.70 6.21 13.54
N GLY A 169 8.98 6.18 14.65
CA GLY A 169 7.88 7.10 14.89
C GLY A 169 8.04 7.92 16.16
N GLY A 170 9.25 7.97 16.69
CA GLY A 170 9.50 8.78 17.89
C GLY A 170 10.32 8.09 18.97
N ASN A 171 10.25 8.62 20.20
CA ASN A 171 11.02 8.11 21.33
C ASN A 171 10.41 6.80 21.90
N SER A 172 9.22 6.42 21.43
CA SER A 172 8.51 5.22 21.87
C SER A 172 8.08 4.41 20.68
N ILE A 173 7.97 3.08 20.86
CA ILE A 173 7.59 2.10 19.84
C ILE A 173 6.20 2.41 19.32
N SER A 174 6.00 2.28 18.01
CA SER A 174 4.72 2.57 17.39
C SER A 174 4.48 1.60 16.25
N MET A 175 3.35 1.73 15.55
CA MET A 175 2.96 0.82 14.47
CA MET A 175 2.95 0.83 14.46
C MET A 175 4.09 0.56 13.44
N ILE A 176 4.73 1.62 12.88
CA ILE A 176 5.80 1.43 11.86
C ILE A 176 6.92 0.43 12.33
N ASP A 177 7.32 0.48 13.62
CA ASP A 177 8.36 -0.44 14.13
C ASP A 177 7.89 -1.91 14.05
N TYR A 178 6.64 -2.19 14.46
CA TYR A 178 6.11 -3.54 14.40
C TYR A 178 5.94 -4.03 12.95
N LEU A 179 5.65 -3.09 12.02
CA LEU A 179 5.47 -3.46 10.62
C LEU A 179 6.77 -3.93 9.93
N ILE A 180 7.90 -3.39 10.34
CA ILE A 180 9.16 -3.73 9.67
C ILE A 180 9.96 -4.75 10.47
N TRP A 181 9.69 -4.88 11.81
CA TRP A 181 10.44 -5.78 12.68
C TRP A 181 10.57 -7.24 12.19
N PRO A 182 9.51 -7.95 11.69
CA PRO A 182 9.68 -9.37 11.35
C PRO A 182 10.86 -9.66 10.42
N TRP A 183 11.24 -8.72 9.55
CA TRP A 183 12.32 -9.01 8.60
C TRP A 183 13.68 -8.78 9.24
N PHE A 184 13.74 -7.90 10.27
CA PHE A 184 15.01 -7.70 11.00
C PHE A 184 15.21 -8.87 11.93
N GLU A 185 14.09 -9.43 12.47
CA GLU A 185 14.14 -10.62 13.34
C GLU A 185 14.82 -11.81 12.62
N ARG A 186 14.63 -11.93 11.30
CA ARG A 186 15.18 -13.05 10.56
C ARG A 186 16.66 -12.84 10.09
N LEU A 187 17.32 -11.69 10.44
CA LEU A 187 18.70 -11.39 9.98
C LEU A 187 19.74 -12.31 10.58
N GLU A 188 19.78 -12.41 11.93
CA GLU A 188 20.73 -13.29 12.63
C GLU A 188 20.56 -14.71 12.15
N ALA A 189 19.30 -15.19 12.07
CA ALA A 189 18.93 -16.52 11.60
C ALA A 189 19.49 -16.79 10.21
N MET A 190 19.42 -15.79 9.31
CA MET A 190 19.93 -15.91 7.94
C MET A 190 21.42 -15.59 7.84
N LYS A 191 22.07 -15.25 8.97
CA LYS A 191 23.50 -14.90 9.11
C LYS A 191 23.82 -13.60 8.37
N LEU A 192 22.86 -12.64 8.34
CA LEU A 192 23.04 -11.38 7.60
C LEU A 192 23.26 -10.15 8.49
N ASN A 193 23.75 -10.35 9.70
CA ASN A 193 24.04 -9.26 10.65
C ASN A 193 25.05 -8.25 10.10
N GLU A 194 25.99 -8.68 9.22
CA GLU A 194 27.00 -7.80 8.63
CA GLU A 194 27.01 -7.83 8.59
C GLU A 194 26.36 -6.70 7.76
N CYS A 195 25.15 -6.94 7.19
CA CYS A 195 24.43 -5.98 6.35
C CYS A 195 23.98 -4.73 7.11
N VAL A 196 24.07 -4.74 8.46
CA VAL A 196 23.76 -3.57 9.29
C VAL A 196 25.02 -3.05 10.04
N ASP A 197 26.21 -3.58 9.71
CA ASP A 197 27.43 -3.14 10.42
C ASP A 197 27.87 -1.69 10.01
N HIS A 198 27.27 -1.11 8.96
CA HIS A 198 27.56 0.27 8.51
C HIS A 198 26.39 1.20 8.90
N THR A 199 25.38 0.66 9.60
CA THR A 199 24.19 1.40 10.01
C THR A 199 24.07 1.33 11.56
N PRO A 200 24.81 2.20 12.31
CA PRO A 200 24.78 2.10 13.79
C PRO A 200 23.44 2.40 14.43
N LYS A 201 22.69 3.41 13.94
CA LYS A 201 21.37 3.76 14.51
C LYS A 201 20.35 2.63 14.29
N LEU A 202 20.39 1.95 13.13
CA LEU A 202 19.49 0.84 12.85
C LEU A 202 19.84 -0.35 13.74
N LYS A 203 21.16 -0.55 13.99
CA LYS A 203 21.67 -1.60 14.89
C LYS A 203 21.18 -1.36 16.37
N LEU A 204 21.23 -0.09 16.88
CA LEU A 204 20.68 0.24 18.21
C LEU A 204 19.16 0.03 18.26
N TRP A 205 18.45 0.31 17.14
CA TRP A 205 16.98 0.13 17.03
C TRP A 205 16.65 -1.36 17.17
N MET A 206 17.43 -2.23 16.53
CA MET A 206 17.25 -3.69 16.59
C MET A 206 17.32 -4.19 18.04
N ALA A 207 18.34 -3.73 18.80
CA ALA A 207 18.55 -4.04 20.22
C ALA A 207 17.36 -3.47 21.06
N ALA A 208 16.93 -2.23 20.77
CA ALA A 208 15.78 -1.64 21.46
C ALA A 208 14.49 -2.45 21.20
N MET A 209 14.30 -2.95 19.96
CA MET A 209 13.13 -3.75 19.60
C MET A 209 13.09 -5.07 20.42
N LYS A 210 14.26 -5.74 20.54
CA LYS A 210 14.38 -7.01 21.28
C LYS A 210 14.07 -6.85 22.77
N GLU A 211 14.17 -5.62 23.30
CA GLU A 211 13.87 -5.29 24.67
C GLU A 211 12.37 -5.08 24.87
N ASP A 212 11.62 -4.81 23.79
CA ASP A 212 10.18 -4.58 23.90
C ASP A 212 9.45 -5.87 24.34
N PRO A 213 8.60 -5.81 25.40
CA PRO A 213 7.90 -7.03 25.85
C PRO A 213 7.08 -7.71 24.75
N THR A 214 6.36 -6.93 23.90
CA THR A 214 5.54 -7.52 22.81
C THR A 214 6.44 -8.27 21.83
N VAL A 215 7.51 -7.59 21.34
CA VAL A 215 8.46 -8.21 20.39
C VAL A 215 9.07 -9.49 21.01
N SER A 216 9.57 -9.38 22.25
CA SER A 216 10.26 -10.48 22.94
C SER A 216 9.36 -11.70 23.07
N ALA A 217 8.09 -11.49 23.42
CA ALA A 217 7.12 -12.59 23.59
C ALA A 217 6.87 -13.37 22.31
N LEU A 218 7.07 -12.76 21.13
CA LEU A 218 6.74 -13.36 19.83
C LEU A 218 7.96 -13.77 19.01
N LEU A 219 9.18 -13.66 19.56
CA LEU A 219 10.38 -14.08 18.85
C LEU A 219 10.38 -15.59 18.59
N THR A 220 10.84 -15.99 17.41
CA THR A 220 11.02 -17.39 17.01
C THR A 220 12.49 -17.70 17.20
N SER A 221 12.80 -18.83 17.86
CA SER A 221 14.18 -19.27 18.08
C SER A 221 14.86 -19.59 16.76
N GLU A 222 16.17 -19.29 16.67
CA GLU A 222 17.01 -19.55 15.49
C GLU A 222 16.87 -21.00 15.00
N LYS A 223 16.72 -21.96 15.95
CA LYS A 223 16.59 -23.39 15.71
C LYS A 223 15.23 -23.75 15.08
N ASP A 224 14.10 -23.23 15.64
CA ASP A 224 12.74 -23.47 15.10
C ASP A 224 12.65 -22.94 13.66
N TRP A 225 13.22 -21.73 13.44
CA TRP A 225 13.25 -21.08 12.14
C TRP A 225 14.03 -21.89 11.09
N GLN A 226 15.27 -22.31 11.40
CA GLN A 226 16.08 -23.11 10.46
C GLN A 226 15.44 -24.48 10.25
N GLY A 227 14.75 -24.97 11.29
CA GLY A 227 14.02 -26.24 11.24
C GLY A 227 12.83 -26.15 10.31
N PHE A 228 12.17 -24.98 10.28
CA PHE A 228 11.04 -24.73 9.40
C PHE A 228 11.53 -24.62 7.96
N LEU A 229 12.58 -23.83 7.77
CA LEU A 229 13.16 -23.52 6.47
C LEU A 229 13.63 -24.78 5.73
N GLU A 230 14.35 -25.70 6.42
CA GLU A 230 14.82 -26.95 5.82
C GLU A 230 13.66 -27.77 5.23
N LEU A 231 12.52 -27.82 5.94
CA LEU A 231 11.32 -28.53 5.49
C LEU A 231 10.57 -27.76 4.39
N TYR A 232 10.43 -26.42 4.52
CA TYR A 232 9.67 -25.58 3.56
C TYR A 232 10.32 -25.60 2.18
N LEU A 233 11.67 -25.48 2.11
CA LEU A 233 12.44 -25.49 0.85
C LEU A 233 12.31 -26.82 0.08
N GLN A 234 11.84 -27.90 0.75
CA GLN A 234 11.65 -29.22 0.11
C GLN A 234 10.16 -29.52 -0.11
N ASN A 235 9.30 -28.49 0.07
CA ASN A 235 7.84 -28.51 -0.09
C ASN A 235 7.16 -29.51 0.88
N SER A 236 7.77 -29.76 2.06
CA SER A 236 7.24 -30.68 3.08
C SER A 236 5.92 -30.17 3.69
N PRO A 237 4.89 -31.05 3.82
CA PRO A 237 3.62 -30.62 4.44
C PRO A 237 3.71 -30.49 5.97
N GLU A 238 4.85 -30.88 6.54
CA GLU A 238 5.12 -30.82 7.98
C GLU A 238 5.84 -29.51 8.35
N ALA A 239 6.32 -28.73 7.35
CA ALA A 239 7.10 -27.49 7.54
C ALA A 239 6.44 -26.48 8.48
N CYS A 240 5.17 -26.19 8.26
CA CYS A 240 4.42 -25.21 9.04
C CYS A 240 4.19 -25.65 10.48
N ASP A 241 4.29 -26.96 10.75
CA ASP A 241 4.08 -27.50 12.10
C ASP A 241 5.38 -27.87 12.83
N TYR A 242 6.56 -27.54 12.26
CA TYR A 242 7.85 -27.80 12.90
C TYR A 242 7.91 -27.18 14.31
N GLY A 243 8.48 -27.94 15.26
CA GLY A 243 8.62 -27.49 16.64
C GLY A 243 7.36 -27.63 17.47
N LEU A 244 6.28 -28.13 16.82
CA LEU A 244 4.93 -28.45 17.31
C LEU A 244 4.13 -27.19 17.67
N SER B 8 1.25 30.33 -16.11
CA SER B 8 1.25 29.84 -14.73
C SER B 8 1.13 28.30 -14.66
N ALA B 9 0.40 27.68 -15.59
CA ALA B 9 0.25 26.22 -15.68
C ALA B 9 1.46 25.54 -16.35
N ARG B 10 2.30 26.29 -17.13
CA ARG B 10 3.47 25.70 -17.80
C ARG B 10 4.34 24.96 -16.79
N SER B 11 4.77 23.74 -17.16
CA SER B 11 5.59 22.89 -16.30
C SER B 11 6.98 23.50 -16.05
N LEU B 12 7.55 23.25 -14.86
CA LEU B 12 8.89 23.70 -14.49
C LEU B 12 9.83 22.55 -14.77
N GLY B 13 11.00 22.83 -15.39
CA GLY B 13 11.96 21.80 -15.74
C GLY B 13 13.39 22.05 -15.31
N LYS B 14 14.34 21.24 -15.84
CA LYS B 14 15.79 21.35 -15.59
C LYS B 14 16.22 22.83 -15.76
N GLY B 15 16.97 23.35 -14.79
CA GLY B 15 17.44 24.73 -14.81
C GLY B 15 16.53 25.74 -14.14
N SER B 16 15.27 25.35 -13.83
CA SER B 16 14.31 26.27 -13.18
C SER B 16 14.71 26.60 -11.74
N ALA B 17 14.27 27.75 -11.21
CA ALA B 17 14.61 28.18 -9.87
C ALA B 17 13.73 27.48 -8.83
N PRO B 18 14.30 27.04 -7.66
CA PRO B 18 13.47 26.39 -6.63
C PRO B 18 12.30 27.28 -6.22
N PRO B 19 11.06 26.75 -6.07
CA PRO B 19 9.94 27.64 -5.70
C PRO B 19 10.06 28.18 -4.27
N GLY B 20 9.32 29.26 -3.99
CA GLY B 20 9.32 29.89 -2.67
C GLY B 20 8.54 29.11 -1.63
N PRO B 21 8.35 29.66 -0.41
CA PRO B 21 7.58 28.94 0.61
C PRO B 21 6.09 28.98 0.29
N VAL B 22 5.37 27.94 0.77
CA VAL B 22 3.93 27.83 0.55
C VAL B 22 3.26 28.82 1.51
N PRO B 23 2.36 29.70 1.01
CA PRO B 23 1.75 30.70 1.92
C PRO B 23 0.79 30.08 2.91
N GLU B 24 0.60 30.78 4.04
CA GLU B 24 -0.29 30.43 5.17
C GLU B 24 -1.72 30.22 4.68
N GLY B 25 -2.37 29.17 5.19
CA GLY B 25 -3.73 28.81 4.84
C GLY B 25 -3.91 28.16 3.49
N SER B 26 -2.79 27.87 2.79
CA SER B 26 -2.80 27.21 1.49
C SER B 26 -1.89 25.96 1.50
N ILE B 27 -2.10 25.08 0.50
CA ILE B 27 -1.28 23.88 0.30
C ILE B 27 -0.86 23.84 -1.17
N ARG B 28 0.33 23.28 -1.45
CA ARG B 28 0.81 23.18 -2.81
C ARG B 28 0.83 21.74 -3.26
N ILE B 29 0.48 21.51 -4.53
CA ILE B 29 0.62 20.19 -5.13
C ILE B 29 1.60 20.30 -6.30
N TYR B 30 2.65 19.44 -6.30
CA TYR B 30 3.59 19.25 -7.42
C TYR B 30 2.91 18.19 -8.26
N SER B 31 2.53 18.53 -9.48
CA SER B 31 1.66 17.68 -10.29
C SER B 31 2.12 17.68 -11.77
N MET B 32 1.31 17.08 -12.65
CA MET B 32 1.48 17.03 -14.12
C MET B 32 0.07 16.82 -14.65
N ARG B 33 -0.40 17.72 -15.56
CA ARG B 33 -1.80 17.77 -16.01
C ARG B 33 -2.33 16.45 -16.59
N PHE B 34 -1.44 15.55 -17.08
CA PHE B 34 -1.91 14.29 -17.68
C PHE B 34 -1.53 13.03 -16.85
N CYS B 35 -1.03 13.24 -15.63
CA CYS B 35 -0.65 12.15 -14.74
C CYS B 35 -1.88 11.61 -13.99
N PRO B 36 -2.34 10.35 -14.22
CA PRO B 36 -3.54 9.87 -13.50
C PRO B 36 -3.31 9.69 -11.99
N PHE B 37 -2.06 9.44 -11.52
CA PHE B 37 -1.79 9.29 -10.08
C PHE B 37 -1.99 10.63 -9.35
N ALA B 38 -1.50 11.75 -9.96
CA ALA B 38 -1.69 13.09 -9.43
C ALA B 38 -3.16 13.53 -9.54
N GLU B 39 -3.90 13.02 -10.56
CA GLU B 39 -5.31 13.38 -10.74
C GLU B 39 -6.09 12.92 -9.51
N ARG B 40 -5.68 11.80 -8.87
CA ARG B 40 -6.32 11.32 -7.62
C ARG B 40 -6.35 12.44 -6.59
N THR B 41 -5.17 13.03 -6.32
CA THR B 41 -4.99 14.09 -5.32
C THR B 41 -5.80 15.34 -5.69
N ARG B 42 -5.82 15.71 -6.99
CA ARG B 42 -6.57 16.89 -7.45
C ARG B 42 -8.09 16.68 -7.33
N LEU B 43 -8.58 15.43 -7.53
CA LEU B 43 -10.01 15.10 -7.31
C LEU B 43 -10.38 15.35 -5.84
N VAL B 44 -9.50 14.92 -4.91
CA VAL B 44 -9.69 15.10 -3.46
C VAL B 44 -9.65 16.59 -3.12
N LEU B 45 -8.65 17.32 -3.67
CA LEU B 45 -8.53 18.77 -3.46
C LEU B 45 -9.84 19.48 -3.88
N LYS B 46 -10.41 19.12 -5.06
CA LYS B 46 -11.65 19.71 -5.55
C LYS B 46 -12.89 19.29 -4.72
N ALA B 47 -13.05 17.97 -4.46
CA ALA B 47 -14.20 17.44 -3.69
C ALA B 47 -14.31 18.06 -2.30
N LYS B 48 -13.17 18.29 -1.63
CA LYS B 48 -13.13 18.89 -0.27
C LYS B 48 -13.09 20.43 -0.24
N GLY B 49 -13.08 21.08 -1.42
CA GLY B 49 -13.04 22.55 -1.53
C GLY B 49 -11.78 23.14 -0.92
N ILE B 50 -10.62 22.45 -1.08
CA ILE B 50 -9.37 22.91 -0.44
C ILE B 50 -8.67 23.97 -1.30
N ARG B 51 -8.35 25.12 -0.66
CA ARG B 51 -7.60 26.22 -1.28
C ARG B 51 -6.17 25.73 -1.50
N HIS B 52 -5.70 25.77 -2.75
CA HIS B 52 -4.36 25.26 -3.05
C HIS B 52 -3.76 25.95 -4.25
N GLU B 53 -2.48 25.66 -4.50
CA GLU B 53 -1.75 26.11 -5.69
C GLU B 53 -1.15 24.89 -6.39
N VAL B 54 -1.11 24.92 -7.72
CA VAL B 54 -0.56 23.81 -8.49
C VAL B 54 0.79 24.23 -9.09
N ILE B 55 1.82 23.36 -8.99
CA ILE B 55 3.09 23.56 -9.70
C ILE B 55 3.26 22.34 -10.62
N ASN B 56 3.27 22.52 -11.94
CA ASN B 56 3.43 21.37 -12.83
C ASN B 56 4.92 21.10 -13.06
N ILE B 57 5.29 19.82 -13.01
CA ILE B 57 6.66 19.32 -13.20
C ILE B 57 6.82 18.68 -14.61
N ASN B 58 7.92 19.04 -15.31
CA ASN B 58 8.24 18.43 -16.60
C ASN B 58 8.92 17.10 -16.27
N LEU B 59 8.16 16.00 -16.35
CA LEU B 59 8.62 14.66 -15.97
C LEU B 59 9.69 14.09 -16.93
N LYS B 60 9.89 14.69 -18.11
CA LYS B 60 10.89 14.23 -19.09
C LYS B 60 12.20 15.05 -18.99
N ASN B 61 12.18 16.15 -18.24
CA ASN B 61 13.27 17.10 -18.03
C ASN B 61 13.06 17.75 -16.66
N LYS B 62 13.16 16.95 -15.60
CA LYS B 62 12.86 17.33 -14.22
C LYS B 62 13.77 18.42 -13.66
N PRO B 63 13.20 19.37 -12.87
CA PRO B 63 14.05 20.35 -12.18
C PRO B 63 14.95 19.64 -11.18
N GLU B 64 16.20 20.11 -11.04
CA GLU B 64 17.19 19.56 -10.12
C GLU B 64 16.70 19.65 -8.66
N TRP B 65 15.98 20.73 -8.31
CA TRP B 65 15.42 20.93 -6.96
C TRP B 65 14.23 19.98 -6.62
N PHE B 66 13.64 19.31 -7.64
CA PHE B 66 12.47 18.46 -7.37
C PHE B 66 12.82 17.18 -6.58
N PHE B 67 14.06 16.67 -6.69
CA PHE B 67 14.47 15.47 -5.96
C PHE B 67 14.52 15.68 -4.42
N LYS B 68 14.63 16.95 -3.93
CA LYS B 68 14.58 17.22 -2.48
C LYS B 68 13.11 17.21 -1.98
N LYS B 69 12.12 17.19 -2.91
CA LYS B 69 10.69 17.18 -2.58
C LYS B 69 10.20 15.75 -2.40
N ASN B 70 10.76 14.83 -3.20
CA ASN B 70 10.46 13.42 -3.17
C ASN B 70 11.69 12.58 -3.57
N PRO B 71 12.19 11.68 -2.69
CA PRO B 71 13.33 10.81 -3.07
C PRO B 71 13.04 9.89 -4.26
N PHE B 72 11.75 9.57 -4.56
CA PHE B 72 11.40 8.71 -5.70
C PHE B 72 11.31 9.54 -7.01
N GLY B 73 11.28 10.88 -6.93
CA GLY B 73 11.21 11.79 -8.06
C GLY B 73 9.92 11.74 -8.86
N LEU B 74 8.83 11.38 -8.19
CA LEU B 74 7.51 11.23 -8.80
C LEU B 74 6.51 12.26 -8.29
N VAL B 75 5.52 12.60 -9.13
CA VAL B 75 4.35 13.43 -8.74
C VAL B 75 3.21 12.42 -8.43
N PRO B 76 2.22 12.73 -7.58
CA PRO B 76 2.01 13.96 -6.81
C PRO B 76 2.87 14.06 -5.55
N VAL B 77 3.11 15.29 -5.13
CA VAL B 77 3.79 15.66 -3.88
C VAL B 77 3.03 16.85 -3.30
N LEU B 78 2.66 16.77 -2.01
CA LEU B 78 2.05 17.91 -1.33
C LEU B 78 3.09 18.60 -0.50
N GLU B 79 2.99 19.94 -0.37
CA GLU B 79 3.88 20.76 0.47
C GLU B 79 3.04 21.82 1.17
N ASN B 80 3.12 21.91 2.51
CA ASN B 80 2.33 22.89 3.25
C ASN B 80 3.22 24.04 3.71
N SER B 81 2.66 25.01 4.47
CA SER B 81 3.40 26.19 4.96
C SER B 81 4.49 25.84 6.00
N GLN B 82 4.39 24.68 6.69
CA GLN B 82 5.44 24.30 7.66
C GLN B 82 6.63 23.63 6.94
N GLY B 83 6.48 23.40 5.64
CA GLY B 83 7.50 22.77 4.82
C GLY B 83 7.40 21.26 4.80
N GLN B 84 6.32 20.70 5.37
CA GLN B 84 6.10 19.25 5.41
C GLN B 84 5.78 18.73 4.00
N LEU B 85 6.42 17.60 3.61
CA LEU B 85 6.26 16.99 2.29
C LEU B 85 5.63 15.62 2.41
N ILE B 86 4.63 15.35 1.54
CA ILE B 86 3.86 14.12 1.52
C ILE B 86 3.80 13.61 0.09
N TYR B 87 4.29 12.37 -0.18
CA TYR B 87 4.30 11.76 -1.52
C TYR B 87 3.61 10.37 -1.45
N GLU B 88 3.35 9.75 -2.63
CA GLU B 88 2.57 8.51 -2.86
C GLU B 88 1.13 8.96 -2.95
N SER B 89 0.49 8.86 -4.14
CA SER B 89 -0.88 9.36 -4.35
C SER B 89 -1.88 8.93 -3.26
N ALA B 90 -1.91 7.61 -2.89
CA ALA B 90 -2.86 7.14 -1.86
C ALA B 90 -2.62 7.84 -0.51
N ILE B 91 -1.37 8.09 -0.16
CA ILE B 91 -1.00 8.75 1.12
C ILE B 91 -1.49 10.21 1.08
N THR B 92 -1.21 10.93 -0.04
CA THR B 92 -1.63 12.33 -0.22
C THR B 92 -3.16 12.43 -0.07
N CYS B 93 -3.93 11.48 -0.63
CA CYS B 93 -5.39 11.54 -0.57
C CYS B 93 -5.91 11.37 0.84
N GLU B 94 -5.35 10.39 1.58
CA GLU B 94 -5.69 10.04 2.96
CA GLU B 94 -5.76 10.10 2.96
C GLU B 94 -5.35 11.25 3.89
N TYR B 95 -4.18 11.87 3.65
CA TYR B 95 -3.72 12.99 4.46
C TYR B 95 -4.70 14.19 4.30
N LEU B 96 -5.07 14.51 3.06
CA LEU B 96 -5.99 15.60 2.74
C LEU B 96 -7.35 15.39 3.38
N ASP B 97 -7.87 14.15 3.36
CA ASP B 97 -9.18 13.87 3.96
C ASP B 97 -9.11 14.01 5.49
N GLU B 98 -7.94 13.73 6.07
CA GLU B 98 -7.71 13.79 7.53
C GLU B 98 -7.42 15.19 8.04
N ALA B 99 -6.60 15.95 7.31
CA ALA B 99 -6.13 17.25 7.76
C ALA B 99 -7.09 18.41 7.44
N TYR B 100 -8.16 18.17 6.64
CA TYR B 100 -9.05 19.27 6.22
C TYR B 100 -10.52 19.09 6.66
N PRO B 101 -11.30 20.20 6.82
CA PRO B 101 -12.69 20.05 7.31
C PRO B 101 -13.69 19.65 6.23
N GLY B 102 -14.95 19.53 6.65
CA GLY B 102 -16.04 19.16 5.75
C GLY B 102 -16.29 17.67 5.74
N LYS B 103 -17.14 17.22 4.80
CA LYS B 103 -17.54 15.83 4.64
C LYS B 103 -16.33 14.92 4.30
N LYS B 104 -16.21 13.81 5.06
CA LYS B 104 -15.13 12.84 4.92
C LYS B 104 -15.38 11.96 3.71
N LEU B 105 -14.33 11.75 2.91
CA LEU B 105 -14.38 10.93 1.70
C LEU B 105 -14.14 9.48 2.08
N LEU B 106 -13.44 9.25 3.20
CA LEU B 106 -13.22 7.90 3.73
C LEU B 106 -14.25 7.61 4.82
N PRO B 107 -14.91 6.44 4.83
CA PRO B 107 -15.87 6.18 5.92
C PRO B 107 -15.16 6.10 7.28
N ASP B 108 -15.80 6.52 8.37
CA ASP B 108 -15.09 6.45 9.65
C ASP B 108 -15.19 5.01 10.26
N ASP B 109 -16.16 4.15 9.84
CA ASP B 109 -16.21 2.76 10.34
C ASP B 109 -14.90 2.04 9.96
N PRO B 110 -14.17 1.47 10.96
CA PRO B 110 -12.90 0.79 10.64
C PRO B 110 -13.03 -0.29 9.55
N TYR B 111 -14.09 -1.15 9.59
CA TYR B 111 -14.26 -2.20 8.57
C TYR B 111 -14.55 -1.60 7.17
N GLU B 112 -15.46 -0.62 7.08
CA GLU B 112 -15.77 0.07 5.82
C GLU B 112 -14.51 0.70 5.19
N LYS B 113 -13.64 1.35 6.01
CA LYS B 113 -12.39 1.95 5.54
C LYS B 113 -11.42 0.88 5.02
N ALA B 114 -11.35 -0.27 5.71
CA ALA B 114 -10.51 -1.42 5.34
C ALA B 114 -10.99 -2.00 4.00
N CYS B 115 -12.33 -2.01 3.75
CA CYS B 115 -12.91 -2.49 2.49
C CYS B 115 -12.45 -1.64 1.31
N GLN B 116 -12.37 -0.33 1.49
CA GLN B 116 -11.93 0.59 0.45
C GLN B 116 -10.50 0.33 0.10
N LYS B 117 -9.64 0.02 1.10
CA LYS B 117 -8.23 -0.28 0.88
C LYS B 117 -8.08 -1.68 0.27
N MET B 118 -8.98 -2.63 0.59
CA MET B 118 -8.93 -3.98 -0.02
C MET B 118 -9.38 -3.87 -1.49
N ILE B 119 -10.36 -3.01 -1.77
CA ILE B 119 -10.80 -2.82 -3.17
C ILE B 119 -9.66 -2.16 -3.99
N LEU B 120 -8.94 -1.20 -3.39
CA LEU B 120 -7.81 -0.57 -4.07
C LEU B 120 -6.76 -1.64 -4.45
N GLU B 121 -6.58 -2.64 -3.59
CA GLU B 121 -5.62 -3.71 -3.87
C GLU B 121 -6.16 -4.61 -5.01
N LEU B 122 -7.50 -4.79 -5.09
CA LEU B 122 -8.11 -5.60 -6.17
C LEU B 122 -7.91 -4.93 -7.56
N PHE B 123 -7.81 -3.59 -7.56
CA PHE B 123 -7.59 -2.74 -8.75
C PHE B 123 -6.09 -2.63 -9.17
N SER B 124 -5.16 -3.07 -8.31
CA SER B 124 -3.69 -2.89 -8.47
C SER B 124 -3.09 -3.25 -9.84
N LYS B 125 -3.68 -4.20 -10.61
CA LYS B 125 -3.08 -4.57 -11.91
C LYS B 125 -3.46 -3.61 -13.06
N VAL B 126 -4.55 -2.83 -12.90
CA VAL B 126 -5.08 -1.95 -13.95
C VAL B 126 -4.06 -0.85 -14.36
N PRO B 127 -3.42 -0.05 -13.45
CA PRO B 127 -2.48 0.96 -13.94
C PRO B 127 -1.34 0.40 -14.83
N SER B 128 -0.80 -0.78 -14.50
CA SER B 128 0.31 -1.36 -15.29
C SER B 128 -0.15 -1.82 -16.68
N LEU B 129 -1.42 -2.28 -16.79
CA LEU B 129 -1.99 -2.71 -18.07
C LEU B 129 -2.18 -1.51 -18.99
N VAL B 130 -2.67 -0.37 -18.43
CA VAL B 130 -2.84 0.88 -19.17
C VAL B 130 -1.47 1.34 -19.69
N GLY B 131 -0.47 1.34 -18.83
CA GLY B 131 0.93 1.67 -19.17
C GLY B 131 1.45 0.83 -20.31
N SER B 132 1.27 -0.50 -20.21
CA SER B 132 1.66 -1.47 -21.23
C SER B 132 0.91 -1.23 -22.53
N PHE B 133 -0.43 -0.97 -22.46
CA PHE B 133 -1.24 -0.72 -23.66
C PHE B 133 -0.77 0.52 -24.42
N ILE B 134 -0.53 1.64 -23.70
CA ILE B 134 -0.08 2.91 -24.25
C ILE B 134 1.25 2.73 -24.99
N ARG B 135 2.20 2.03 -24.35
CA ARG B 135 3.50 1.72 -24.94
C ARG B 135 3.33 0.65 -26.04
N SER B 136 4.36 0.43 -26.88
CA SER B 136 4.40 -0.52 -28.02
C SER B 136 3.44 -0.09 -29.15
N LYS B 139 -0.01 -3.23 -33.14
CA LYS B 139 0.79 -4.34 -32.61
C LYS B 139 -0.09 -5.52 -32.20
N GLU B 140 0.48 -6.75 -32.29
CA GLU B 140 -0.18 -8.02 -31.99
C GLU B 140 -0.49 -8.22 -30.49
N ASP B 141 0.00 -7.31 -29.61
CA ASP B 141 -0.18 -7.36 -28.15
C ASP B 141 -1.59 -6.94 -27.67
N TYR B 142 -2.35 -6.24 -28.51
CA TYR B 142 -3.65 -5.65 -28.15
C TYR B 142 -4.68 -6.67 -27.65
N ALA B 143 -4.83 -7.81 -28.37
CA ALA B 143 -5.77 -8.89 -28.05
C ALA B 143 -5.56 -9.42 -26.61
N GLY B 144 -4.32 -9.80 -26.31
CA GLY B 144 -3.93 -10.31 -25.01
C GLY B 144 -4.17 -9.30 -23.90
N LEU B 145 -3.86 -8.00 -24.16
CA LEU B 145 -4.05 -6.93 -23.18
C LEU B 145 -5.52 -6.62 -22.91
N LYS B 146 -6.38 -6.66 -23.94
CA LYS B 146 -7.83 -6.45 -23.78
C LYS B 146 -8.43 -7.58 -22.96
N GLU B 147 -7.93 -8.83 -23.16
CA GLU B 147 -8.36 -9.97 -22.37
C GLU B 147 -7.94 -9.76 -20.91
N GLU B 148 -6.71 -9.28 -20.67
CA GLU B 148 -6.22 -8.99 -19.32
C GLU B 148 -7.11 -7.94 -18.65
N PHE B 149 -7.44 -6.85 -19.37
CA PHE B 149 -8.34 -5.79 -18.86
C PHE B 149 -9.69 -6.38 -18.45
N ARG B 150 -10.29 -7.24 -19.32
CA ARG B 150 -11.60 -7.84 -19.06
C ARG B 150 -11.61 -8.64 -17.76
N LYS B 151 -10.53 -9.43 -17.49
CA LYS B 151 -10.42 -10.26 -16.28
C LYS B 151 -10.34 -9.42 -15.01
N GLU B 152 -9.57 -8.33 -15.04
CA GLU B 152 -9.44 -7.40 -13.91
C GLU B 152 -10.76 -6.66 -13.67
N PHE B 153 -11.47 -6.30 -14.74
CA PHE B 153 -12.73 -5.58 -14.61
C PHE B 153 -13.82 -6.47 -14.04
N THR B 154 -13.82 -7.79 -14.34
CA THR B 154 -14.79 -8.73 -13.76
C THR B 154 -14.64 -8.81 -12.23
N LYS B 155 -13.42 -8.63 -11.71
CA LYS B 155 -13.17 -8.60 -10.26
C LYS B 155 -13.90 -7.37 -9.62
N LEU B 156 -13.89 -6.21 -10.32
CA LEU B 156 -14.58 -5.02 -9.81
C LEU B 156 -16.09 -5.17 -9.97
N GLU B 157 -16.53 -5.84 -11.04
CA GLU B 157 -17.94 -6.15 -11.28
C GLU B 157 -18.49 -6.98 -10.13
N GLU B 158 -17.67 -7.92 -9.62
CA GLU B 158 -18.05 -8.83 -8.53
C GLU B 158 -18.22 -8.07 -7.23
N VAL B 159 -17.36 -7.08 -6.96
CA VAL B 159 -17.47 -6.22 -5.76
C VAL B 159 -18.83 -5.47 -5.80
N LEU B 160 -19.19 -4.83 -6.95
CA LEU B 160 -20.45 -4.10 -7.06
C LEU B 160 -21.65 -5.03 -6.94
N THR B 161 -21.53 -6.26 -7.49
CA THR B 161 -22.60 -7.27 -7.42
C THR B 161 -22.82 -7.66 -5.97
N ASN B 162 -21.74 -7.96 -5.22
CA ASN B 162 -21.82 -8.37 -3.82
C ASN B 162 -22.28 -7.24 -2.90
N LYS B 163 -21.82 -5.99 -3.16
CA LYS B 163 -22.16 -4.81 -2.37
C LYS B 163 -23.60 -4.38 -2.57
N LYS B 164 -24.15 -4.62 -3.79
CA LYS B 164 -25.50 -4.25 -4.22
C LYS B 164 -25.66 -2.70 -4.16
N THR B 165 -24.60 -1.96 -4.44
CA THR B 165 -24.60 -0.50 -4.43
C THR B 165 -24.12 0.04 -5.78
N THR B 166 -24.42 1.31 -6.05
CA THR B 166 -24.02 1.96 -7.30
C THR B 166 -22.54 2.28 -7.32
N PHE B 167 -21.94 2.59 -6.13
CA PHE B 167 -20.51 2.95 -6.06
C PHE B 167 -19.74 1.92 -5.24
N PHE B 168 -18.40 1.97 -5.31
CA PHE B 168 -17.53 1.00 -4.63
C PHE B 168 -17.55 1.09 -3.09
N GLY B 169 -18.02 2.22 -2.52
CA GLY B 169 -18.13 2.40 -1.07
C GLY B 169 -19.51 2.82 -0.56
N GLY B 170 -20.55 2.42 -1.29
CA GLY B 170 -21.94 2.75 -0.93
C GLY B 170 -22.79 3.27 -2.06
N ASN B 171 -23.99 3.78 -1.74
CA ASN B 171 -24.92 4.32 -2.74
C ASN B 171 -24.55 5.77 -3.18
N SER B 172 -23.50 6.35 -2.60
CA SER B 172 -22.97 7.68 -2.99
C SER B 172 -21.44 7.60 -3.17
N ILE B 173 -20.86 8.49 -3.98
CA ILE B 173 -19.40 8.55 -4.27
C ILE B 173 -18.58 8.75 -2.96
N SER B 174 -17.37 8.14 -2.91
CA SER B 174 -16.46 8.24 -1.76
C SER B 174 -15.02 8.07 -2.25
N MET B 175 -14.03 8.15 -1.35
CA MET B 175 -12.60 8.08 -1.73
C MET B 175 -12.28 7.01 -2.78
N ILE B 176 -12.65 5.74 -2.52
CA ILE B 176 -12.34 4.60 -3.41
C ILE B 176 -12.69 4.91 -4.91
N ASP B 177 -13.84 5.55 -5.15
CA ASP B 177 -14.27 5.86 -6.52
C ASP B 177 -13.30 6.83 -7.20
N TYR B 178 -12.87 7.87 -6.46
CA TYR B 178 -11.93 8.88 -6.96
C TYR B 178 -10.55 8.26 -7.19
N LEU B 179 -10.14 7.30 -6.37
CA LEU B 179 -8.81 6.66 -6.47
C LEU B 179 -8.69 5.82 -7.73
N ILE B 180 -9.79 5.19 -8.16
CA ILE B 180 -9.70 4.33 -9.34
C ILE B 180 -10.18 5.05 -10.63
N TRP B 181 -11.00 6.13 -10.51
CA TRP B 181 -11.53 6.84 -11.67
C TRP B 181 -10.48 7.24 -12.78
N PRO B 182 -9.28 7.79 -12.48
CA PRO B 182 -8.40 8.26 -13.57
C PRO B 182 -8.10 7.24 -14.66
N TRP B 183 -8.13 5.94 -14.35
CA TRP B 183 -7.82 4.90 -15.34
C TRP B 183 -9.03 4.56 -16.21
N PHE B 184 -10.25 4.67 -15.67
CA PHE B 184 -11.49 4.49 -16.44
C PHE B 184 -11.71 5.69 -17.33
N GLU B 185 -11.25 6.88 -16.89
CA GLU B 185 -11.35 8.09 -17.71
C GLU B 185 -10.55 7.95 -19.03
N ARG B 186 -9.40 7.32 -18.97
CA ARG B 186 -8.53 7.20 -20.15
C ARG B 186 -8.98 6.05 -21.08
N LEU B 187 -9.75 5.08 -20.55
CA LEU B 187 -10.25 3.91 -21.26
C LEU B 187 -10.91 4.28 -22.58
N GLU B 188 -11.84 5.28 -22.58
CA GLU B 188 -12.51 5.72 -23.80
C GLU B 188 -11.55 6.42 -24.75
N ALA B 189 -10.62 7.25 -24.23
CA ALA B 189 -9.60 7.97 -25.01
C ALA B 189 -8.68 6.97 -25.74
N MET B 190 -8.41 5.81 -25.10
CA MET B 190 -7.61 4.69 -25.61
C MET B 190 -8.43 3.75 -26.51
N LYS B 191 -9.74 4.07 -26.69
CA LYS B 191 -10.72 3.35 -27.51
C LYS B 191 -10.85 1.89 -27.02
N LEU B 192 -10.74 1.68 -25.69
CA LEU B 192 -10.84 0.38 -25.01
C LEU B 192 -12.19 0.19 -24.30
N ASN B 193 -13.23 0.96 -24.67
CA ASN B 193 -14.54 0.83 -24.05
C ASN B 193 -15.18 -0.57 -24.21
N GLU B 194 -14.79 -1.37 -25.23
CA GLU B 194 -15.35 -2.72 -25.38
C GLU B 194 -14.98 -3.64 -24.19
N CYS B 195 -13.92 -3.26 -23.42
CA CYS B 195 -13.42 -4.03 -22.27
C CYS B 195 -14.39 -4.02 -21.08
N VAL B 196 -15.44 -3.17 -21.12
CA VAL B 196 -16.45 -3.13 -20.05
C VAL B 196 -17.80 -3.63 -20.60
N ASP B 197 -17.83 -4.21 -21.82
CA ASP B 197 -19.08 -4.65 -22.46
C ASP B 197 -19.71 -5.90 -21.79
N HIS B 198 -18.93 -6.60 -20.95
CA HIS B 198 -19.36 -7.78 -20.18
C HIS B 198 -19.52 -7.46 -18.67
N THR B 199 -19.29 -6.21 -18.26
CA THR B 199 -19.40 -5.75 -16.87
C THR B 199 -20.48 -4.64 -16.81
N PRO B 200 -21.78 -5.00 -16.80
CA PRO B 200 -22.82 -3.96 -16.85
C PRO B 200 -22.88 -3.00 -15.65
N LYS B 201 -22.65 -3.48 -14.42
CA LYS B 201 -22.67 -2.62 -13.22
C LYS B 201 -21.51 -1.62 -13.24
N LEU B 202 -20.36 -2.07 -13.74
CA LEU B 202 -19.17 -1.24 -13.86
C LEU B 202 -19.40 -0.15 -14.93
N LYS B 203 -20.13 -0.49 -16.00
CA LYS B 203 -20.47 0.43 -17.07
C LYS B 203 -21.42 1.54 -16.54
N LEU B 204 -22.42 1.16 -15.73
CA LEU B 204 -23.38 2.11 -15.13
C LEU B 204 -22.65 3.02 -14.14
N TRP B 205 -21.65 2.47 -13.44
CA TRP B 205 -20.76 3.19 -12.50
C TRP B 205 -19.98 4.29 -13.24
N MET B 206 -19.44 3.95 -14.44
CA MET B 206 -18.67 4.94 -15.23
C MET B 206 -19.55 6.14 -15.63
N ALA B 207 -20.81 5.87 -16.00
CA ALA B 207 -21.79 6.90 -16.37
C ALA B 207 -22.17 7.76 -15.15
N ALA B 208 -22.37 7.11 -14.00
CA ALA B 208 -22.65 7.83 -12.74
C ALA B 208 -21.45 8.73 -12.37
N MET B 209 -20.21 8.21 -12.47
CA MET B 209 -19.00 9.01 -12.17
C MET B 209 -18.92 10.27 -13.05
N LYS B 210 -19.20 10.16 -14.37
CA LYS B 210 -19.13 11.32 -15.27
C LYS B 210 -20.18 12.39 -14.94
N GLU B 211 -21.25 12.01 -14.21
CA GLU B 211 -22.28 12.96 -13.77
C GLU B 211 -21.91 13.60 -12.41
N ASP B 212 -20.81 13.14 -11.74
CA ASP B 212 -20.39 13.75 -10.48
C ASP B 212 -19.73 15.13 -10.73
N PRO B 213 -20.15 16.21 -10.03
CA PRO B 213 -19.57 17.55 -10.31
C PRO B 213 -18.04 17.63 -10.22
N THR B 214 -17.43 16.93 -9.24
CA THR B 214 -15.97 16.90 -9.08
C THR B 214 -15.31 16.19 -10.26
N VAL B 215 -15.74 14.95 -10.57
CA VAL B 215 -15.21 14.19 -11.72
C VAL B 215 -15.29 15.05 -13.00
N SER B 216 -16.49 15.57 -13.28
CA SER B 216 -16.81 16.36 -14.47
C SER B 216 -15.90 17.59 -14.63
N ALA B 217 -15.59 18.28 -13.53
CA ALA B 217 -14.76 19.49 -13.55
C ALA B 217 -13.28 19.19 -13.91
N LEU B 218 -12.82 17.97 -13.65
CA LEU B 218 -11.42 17.56 -13.88
C LEU B 218 -11.20 16.64 -15.09
N LEU B 219 -12.26 16.36 -15.88
CA LEU B 219 -12.10 15.52 -17.07
C LEU B 219 -11.14 16.19 -18.09
N THR B 220 -10.23 15.40 -18.68
CA THR B 220 -9.38 15.89 -19.78
C THR B 220 -10.09 15.44 -21.08
N SER B 221 -10.18 16.32 -22.11
CA SER B 221 -10.79 15.92 -23.39
C SER B 221 -9.96 14.85 -24.06
N GLU B 222 -10.59 13.93 -24.83
CA GLU B 222 -9.84 12.86 -25.48
C GLU B 222 -8.83 13.40 -26.53
N LYS B 223 -9.04 14.62 -27.05
CA LYS B 223 -8.10 15.23 -28.01
C LYS B 223 -6.87 15.76 -27.27
N ASP B 224 -7.06 16.36 -26.08
CA ASP B 224 -5.93 16.86 -25.27
C ASP B 224 -5.06 15.69 -24.83
N TRP B 225 -5.71 14.57 -24.42
CA TRP B 225 -5.00 13.37 -24.00
C TRP B 225 -4.23 12.77 -25.18
N GLN B 226 -4.84 12.68 -26.38
CA GLN B 226 -4.17 12.16 -27.58
C GLN B 226 -3.02 13.10 -28.03
N GLY B 227 -3.18 14.40 -27.78
CA GLY B 227 -2.16 15.40 -28.07
C GLY B 227 -0.93 15.18 -27.19
N PHE B 228 -1.18 14.92 -25.89
CA PHE B 228 -0.14 14.61 -24.90
C PHE B 228 0.55 13.33 -25.27
N LEU B 229 -0.24 12.28 -25.50
CA LEU B 229 0.28 10.96 -25.79
C LEU B 229 1.16 10.94 -27.02
N GLU B 230 0.73 11.54 -28.15
CA GLU B 230 1.58 11.52 -29.35
C GLU B 230 2.91 12.26 -29.08
N LEU B 231 2.88 13.33 -28.27
CA LEU B 231 4.12 14.04 -27.91
C LEU B 231 4.96 13.20 -26.96
N TYR B 232 4.33 12.53 -25.98
CA TYR B 232 5.01 11.64 -25.03
C TYR B 232 5.71 10.50 -25.78
N LEU B 233 4.97 9.82 -26.68
CA LEU B 233 5.47 8.70 -27.48
C LEU B 233 6.58 9.14 -28.46
N GLN B 234 6.68 10.46 -28.74
CA GLN B 234 7.74 11.04 -29.60
C GLN B 234 8.95 11.45 -28.73
N ASN B 235 8.87 11.20 -27.40
CA ASN B 235 9.90 11.52 -26.39
C ASN B 235 10.17 13.04 -26.32
N SER B 236 9.15 13.86 -26.65
CA SER B 236 9.23 15.32 -26.62
C SER B 236 9.19 15.90 -25.21
N PRO B 237 10.03 16.92 -24.89
CA PRO B 237 9.96 17.55 -23.56
C PRO B 237 8.83 18.60 -23.49
N GLU B 238 8.00 18.69 -24.54
CA GLU B 238 6.88 19.62 -24.61
C GLU B 238 5.56 18.90 -24.30
N ALA B 239 5.61 17.55 -24.16
CA ALA B 239 4.44 16.67 -23.92
C ALA B 239 3.60 17.14 -22.74
N CYS B 240 4.25 17.38 -21.57
CA CYS B 240 3.58 17.80 -20.34
C CYS B 240 2.87 19.14 -20.54
N ASP B 241 3.35 19.96 -21.47
CA ASP B 241 2.74 21.26 -21.70
C ASP B 241 1.79 21.29 -22.93
N TYR B 242 1.37 20.12 -23.44
CA TYR B 242 0.45 20.12 -24.58
C TYR B 242 -0.83 20.91 -24.29
N GLY B 243 -1.22 21.74 -25.25
CA GLY B 243 -2.41 22.56 -25.17
C GLY B 243 -2.19 23.82 -24.37
N LEU B 244 -0.91 24.09 -24.00
CA LEU B 244 -0.37 25.18 -23.18
C LEU B 244 -0.90 25.11 -21.73
#